data_6MZO
#
_entry.id   6MZO
#
_cell.length_a   73.133
_cell.length_b   98.948
_cell.length_c   93.943
_cell.angle_alpha   90.00
_cell.angle_beta   90.00
_cell.angle_gamma   90.00
#
_symmetry.space_group_name_H-M   'C 2 2 21'
#
loop_
_entity.id
_entity.type
_entity.pdbx_description
1 polymer 'Inactive Zymogen C11 Protease'
2 non-polymer GLYCEROL
3 water water
#
_entity_poly.entity_id   1
_entity_poly.type   'polypeptide(L)'
_entity_poly.pdbx_seq_one_letter_code
;MKEEVVIPTTAPRTVLIYFAGDNSLSGYVSQNLRAIKEGIERDGLNNGNLLIYTDKQNEAPQLFQLKLEADTIRQIVLET
YASNQNSASTETLTQIIDKVQKEYPADSYGLVLWSHGTGWLPSDIYSYLRSFGQDGKNNFMEINDLASALSKYHFDFILF
DACYMSCAEVAYAFRGCADYIIGSPTEILANGFPYQTIMGDMFKKEADVVGIATKFYTYYQSEAGTISVMKSDELDELAA
TCRTLFHDKTESDLFAVPVSELQIMEYLTPNYHALYDFDDYVSRLATEEQYNAFKRSMEKAVIYKATTPKAVYAYPYPYG
SYLPVNKYSGLSIYVPQEALPKLNEWYKDLEWYKDVYQAAALEHHHHHH
;
_entity_poly.pdbx_strand_id   A
#
loop_
_chem_comp.id
_chem_comp.type
_chem_comp.name
_chem_comp.formula
GOL non-polymer GLYCEROL 'C3 H8 O3'
#
# COMPACT_ATOMS: atom_id res chain seq x y z
N VAL A 6 5.98 23.32 -32.14
CA VAL A 6 6.19 23.68 -30.73
C VAL A 6 4.86 24.03 -30.05
N ILE A 7 4.59 23.38 -28.93
CA ILE A 7 3.32 23.54 -28.19
C ILE A 7 3.42 23.78 -26.66
N PRO A 8 2.71 24.81 -26.15
CA PRO A 8 2.60 25.04 -24.70
C PRO A 8 1.76 23.97 -24.02
N THR A 9 2.19 23.54 -22.85
CA THR A 9 1.43 22.57 -22.07
C THR A 9 1.86 22.63 -20.63
N THR A 10 0.93 22.32 -19.73
CA THR A 10 1.28 22.15 -18.33
C THR A 10 1.29 20.65 -18.06
N ALA A 11 1.96 20.28 -16.99
CA ALA A 11 2.07 18.87 -16.64
C ALA A 11 0.78 18.32 -16.03
N PRO A 12 0.25 17.23 -16.59
CA PRO A 12 -1.00 16.71 -16.10
C PRO A 12 -0.78 16.12 -14.69
N ARG A 13 0.43 15.64 -14.44
CA ARG A 13 0.71 15.06 -13.11
C ARG A 13 2.21 15.14 -12.80
N THR A 14 2.55 15.36 -11.54
CA THR A 14 3.88 15.08 -11.06
C THR A 14 3.83 13.88 -10.13
N VAL A 15 4.60 12.85 -10.42
CA VAL A 15 4.65 11.66 -9.53
C VAL A 15 6.03 11.55 -8.87
N LEU A 16 6.01 11.30 -7.55
CA LEU A 16 7.19 11.02 -6.73
C LEU A 16 7.16 9.53 -6.39
N ILE A 17 8.26 8.86 -6.74
CA ILE A 17 8.47 7.46 -6.28
C ILE A 17 9.56 7.52 -5.22
N TYR A 18 9.19 7.11 -3.99
CA TYR A 18 10.03 7.26 -2.83
C TYR A 18 10.43 5.91 -2.30
N PHE A 19 11.73 5.60 -2.42
CA PHE A 19 12.25 4.30 -1.97
C PHE A 19 12.85 4.45 -0.61
N ALA A 20 12.17 3.90 0.38
CA ALA A 20 12.76 3.88 1.70
C ALA A 20 13.59 2.59 1.69
N GLY A 21 14.86 2.72 1.36
CA GLY A 21 15.76 1.59 1.25
C GLY A 21 16.70 1.59 2.44
N ASP A 22 18.01 1.54 2.16
CA ASP A 22 19.10 1.53 3.15
C ASP A 22 18.96 0.32 4.07
N ASN A 23 18.88 -0.85 3.45
CA ASN A 23 18.77 -2.09 4.19
C ASN A 23 19.21 -3.27 3.34
N SER A 24 18.78 -4.46 3.73
CA SER A 24 19.13 -5.69 3.03
C SER A 24 18.55 -5.74 1.61
N LEU A 25 17.72 -4.77 1.26
CA LEU A 25 16.95 -4.82 0.02
C LEU A 25 17.37 -3.77 -1.03
N SER A 26 18.53 -3.15 -0.84
CA SER A 26 19.02 -2.13 -1.76
C SER A 26 19.14 -2.58 -3.25
N GLY A 27 19.50 -3.86 -3.42
CA GLY A 27 19.52 -4.48 -4.75
C GLY A 27 18.20 -4.35 -5.47
N TYR A 28 17.14 -4.50 -4.69
CA TYR A 28 15.81 -4.39 -5.26
C TYR A 28 15.47 -2.96 -5.71
N VAL A 29 16.03 -1.97 -5.03
CA VAL A 29 15.80 -0.60 -5.45
C VAL A 29 16.44 -0.43 -6.81
N SER A 30 17.66 -0.89 -6.94
CA SER A 30 18.33 -0.81 -8.27
C SER A 30 17.56 -1.53 -9.38
N GLN A 31 17.04 -2.73 -9.11
CA GLN A 31 16.23 -3.43 -10.12
C GLN A 31 14.99 -2.66 -10.48
N ASN A 32 14.33 -2.07 -9.47
CA ASN A 32 13.14 -1.26 -9.78
C ASN A 32 13.48 -0.02 -10.56
N LEU A 33 14.60 0.60 -10.26
CA LEU A 33 14.99 1.80 -11.06
C LEU A 33 15.21 1.41 -12.54
N ARG A 34 15.80 0.24 -12.76
CA ARG A 34 15.94 -0.26 -14.12
C ARG A 34 14.56 -0.44 -14.79
N ALA A 35 13.58 -1.02 -14.06
CA ALA A 35 12.26 -1.24 -14.62
C ALA A 35 11.58 0.12 -14.93
N ILE A 36 11.73 1.09 -14.05
CA ILE A 36 11.14 2.42 -14.24
C ILE A 36 11.73 3.04 -15.48
N LYS A 37 13.05 2.98 -15.60
CA LYS A 37 13.65 3.59 -16.84
C LYS A 37 13.17 2.90 -18.11
N GLU A 38 13.04 1.57 -18.08
CA GLU A 38 12.51 0.90 -19.27
C GLU A 38 11.06 1.29 -19.52
N GLY A 39 10.30 1.47 -18.46
CA GLY A 39 8.87 1.82 -18.60
C GLY A 39 8.72 3.23 -19.20
N ILE A 40 9.53 4.18 -18.71
CA ILE A 40 9.43 5.51 -19.36
C ILE A 40 9.80 5.43 -20.79
N GLU A 41 10.83 4.68 -21.15
CA GLU A 41 11.23 4.65 -22.55
C GLU A 41 10.15 3.99 -23.42
N ARG A 42 9.40 3.04 -22.83
CA ARG A 42 8.35 2.32 -23.56
C ARG A 42 7.12 3.17 -23.72
N ASP A 43 6.80 4.05 -22.76
CA ASP A 43 5.45 4.67 -22.76
C ASP A 43 5.47 6.19 -22.99
N GLY A 44 6.58 6.78 -22.59
CA GLY A 44 6.51 8.27 -22.45
C GLY A 44 5.67 8.70 -21.28
N LEU A 45 5.66 9.99 -20.99
CA LEU A 45 5.09 10.42 -19.74
C LEU A 45 3.95 11.40 -19.88
N ASN A 46 3.38 11.56 -21.12
CA ASN A 46 2.27 12.45 -21.33
C ASN A 46 2.51 13.83 -20.71
N ASN A 47 3.72 14.37 -20.92
CA ASN A 47 4.07 15.72 -20.45
C ASN A 47 4.11 15.85 -18.95
N GLY A 48 4.12 14.75 -18.24
CA GLY A 48 4.20 14.80 -16.76
C GLY A 48 5.65 14.83 -16.24
N ASN A 49 5.81 14.96 -14.91
CA ASN A 49 7.16 14.97 -14.29
C ASN A 49 7.34 13.77 -13.43
N LEU A 50 8.49 13.10 -13.54
CA LEU A 50 8.73 11.89 -12.71
C LEU A 50 9.95 12.20 -11.81
N LEU A 51 9.76 12.17 -10.49
CA LEU A 51 10.80 12.41 -9.52
C LEU A 51 10.98 11.14 -8.69
N ILE A 52 12.24 10.81 -8.38
CA ILE A 52 12.59 9.61 -7.58
C ILE A 52 13.42 10.02 -6.40
N TYR A 53 13.17 9.41 -5.25
CA TYR A 53 14.02 9.61 -4.06
C TYR A 53 14.55 8.25 -3.73
N THR A 54 15.86 8.16 -3.57
CA THR A 54 16.43 6.92 -3.07
C THR A 54 17.34 7.15 -1.90
N ASP A 55 17.52 6.10 -1.09
CA ASP A 55 18.49 6.11 0.04
C ASP A 55 19.18 4.76 0.10
N LYS A 56 19.99 4.45 -0.89
CA LYS A 56 20.57 3.13 -0.94
C LYS A 56 21.74 3.01 0.01
N GLN A 57 21.97 1.78 0.44
CA GLN A 57 23.14 1.54 1.26
C GLN A 57 24.40 1.82 0.44
N ASN A 58 25.39 2.45 1.08
CA ASN A 58 26.62 2.89 0.42
C ASN A 58 26.33 3.93 -0.65
N GLU A 59 25.31 4.73 -0.42
CA GLU A 59 24.99 5.82 -1.31
C GLU A 59 24.33 6.88 -0.45
N ALA A 60 24.56 8.14 -0.77
CA ALA A 60 23.85 9.23 -0.09
C ALA A 60 22.39 9.25 -0.59
N PRO A 61 21.45 9.72 0.26
CA PRO A 61 20.06 9.93 -0.22
C PRO A 61 20.02 11.02 -1.27
N GLN A 62 19.17 10.82 -2.27
CA GLN A 62 19.15 11.77 -3.38
C GLN A 62 17.78 11.85 -4.00
N LEU A 63 17.45 13.06 -4.48
CA LEU A 63 16.21 13.31 -5.22
C LEU A 63 16.62 13.59 -6.66
N PHE A 64 16.05 12.86 -7.63
CA PHE A 64 16.46 13.09 -9.02
C PHE A 64 15.25 12.95 -9.93
N GLN A 65 15.33 13.61 -11.05
CA GLN A 65 14.30 13.52 -12.08
C GLN A 65 14.77 12.50 -13.14
N LEU A 66 13.81 11.78 -13.70
CA LEU A 66 14.10 10.95 -14.86
C LEU A 66 13.27 11.52 -15.96
N LYS A 67 13.87 11.79 -17.09
CA LYS A 67 13.08 12.28 -18.20
C LYS A 67 13.56 11.70 -19.51
N LEU A 68 12.72 11.79 -20.52
CA LEU A 68 13.06 11.33 -21.83
C LEU A 68 13.70 12.45 -22.61
N GLU A 69 14.78 12.15 -23.28
CA GLU A 69 15.45 13.12 -24.07
C GLU A 69 15.82 12.37 -25.32
N ALA A 70 15.28 12.83 -26.43
CA ALA A 70 15.47 12.22 -27.73
C ALA A 70 15.08 10.74 -27.61
N ASP A 71 15.97 9.80 -27.87
CA ASP A 71 15.51 8.41 -27.72
C ASP A 71 15.95 7.80 -26.41
N THR A 72 16.32 8.59 -25.42
CA THR A 72 16.87 7.98 -24.25
C THR A 72 16.52 8.64 -22.93
N ILE A 73 16.88 8.00 -21.85
CA ILE A 73 16.60 8.50 -20.51
C ILE A 73 17.71 9.47 -20.12
N ARG A 74 17.34 10.56 -19.48
CA ARG A 74 18.28 11.52 -18.81
C ARG A 74 17.97 11.51 -17.34
N GLN A 75 18.95 11.20 -16.53
CA GLN A 75 18.79 11.35 -15.10
C GLN A 75 19.34 12.68 -14.64
N ILE A 76 18.55 13.44 -13.89
CA ILE A 76 19.00 14.74 -13.42
C ILE A 76 19.02 14.70 -11.91
N VAL A 77 20.22 14.57 -11.30
CA VAL A 77 20.34 14.40 -9.83
C VAL A 77 20.20 15.76 -9.28
N LEU A 78 19.02 16.05 -8.72
CA LEU A 78 18.68 17.36 -8.18
C LEU A 78 19.34 17.73 -6.88
N GLU A 79 19.08 16.93 -5.86
CA GLU A 79 19.70 17.23 -4.58
C GLU A 79 20.28 15.98 -3.99
N THR A 80 21.44 16.13 -3.36
CA THR A 80 22.05 15.00 -2.69
C THR A 80 22.09 15.40 -1.21
N TYR A 81 21.45 14.62 -0.35
CA TYR A 81 21.23 15.04 1.03
C TYR A 81 22.34 14.56 1.94
N ALA A 82 22.46 15.12 3.15
CA ALA A 82 23.47 14.65 4.10
C ALA A 82 23.09 13.23 4.52
N SER A 83 24.05 12.43 4.97
CA SER A 83 23.72 11.03 5.20
C SER A 83 23.00 10.84 6.54
N ASN A 84 22.92 11.89 7.35
CA ASN A 84 22.09 11.81 8.58
C ASN A 84 20.62 12.03 8.31
N GLN A 85 20.25 12.18 7.04
CA GLN A 85 18.88 12.27 6.70
C GLN A 85 18.32 10.88 6.87
N ASN A 86 17.31 10.75 7.71
CA ASN A 86 16.65 9.46 7.89
C ASN A 86 15.48 9.28 6.93
N SER A 87 15.66 8.39 5.97
CA SER A 87 14.63 8.25 4.95
C SER A 87 13.41 7.50 5.47
N ALA A 88 13.50 6.81 6.60
CA ALA A 88 12.31 6.11 7.11
C ALA A 88 11.45 7.00 8.02
N SER A 89 11.71 8.29 7.97
CA SER A 89 11.05 9.27 8.81
C SER A 89 9.95 9.93 8.00
N THR A 90 8.79 10.13 8.58
CA THR A 90 7.76 10.84 7.82
C THR A 90 8.14 12.33 7.59
N GLU A 91 8.94 12.93 8.48
CA GLU A 91 9.38 14.32 8.27
C GLU A 91 10.20 14.44 6.99
N THR A 92 11.00 13.42 6.71
CA THR A 92 11.81 13.41 5.50
C THR A 92 10.91 13.27 4.31
N LEU A 93 9.95 12.34 4.40
CA LEU A 93 9.01 12.17 3.30
C LEU A 93 8.29 13.47 2.98
N THR A 94 7.80 14.21 3.97
CA THR A 94 7.04 15.41 3.58
C THR A 94 7.98 16.55 3.16
N GLN A 95 9.21 16.53 3.64
CA GLN A 95 10.26 17.46 3.16
C GLN A 95 10.47 17.29 1.63
N ILE A 96 10.58 16.03 1.20
CA ILE A 96 10.80 15.69 -0.19
C ILE A 96 9.54 16.01 -1.02
N ILE A 97 8.36 15.64 -0.50
CA ILE A 97 7.12 15.95 -1.24
C ILE A 97 7.02 17.47 -1.42
N ASP A 98 7.31 18.24 -0.35
CA ASP A 98 7.22 19.68 -0.49
C ASP A 98 8.15 20.19 -1.57
N LYS A 99 9.37 19.66 -1.57
CA LYS A 99 10.33 20.12 -2.58
C LYS A 99 9.85 19.78 -4.00
N VAL A 100 9.35 18.56 -4.18
CA VAL A 100 8.90 18.18 -5.49
C VAL A 100 7.72 19.04 -5.96
N GLN A 101 6.76 19.34 -5.07
CA GLN A 101 5.58 20.11 -5.45
C GLN A 101 5.99 21.54 -5.76
N LYS A 102 6.97 22.05 -5.02
CA LYS A 102 7.44 23.42 -5.26
C LYS A 102 8.18 23.54 -6.60
N GLU A 103 8.98 22.55 -6.96
CA GLU A 103 9.82 22.68 -8.15
C GLU A 103 9.19 22.08 -9.39
N TYR A 104 8.23 21.19 -9.16
CA TYR A 104 7.50 20.54 -10.27
C TYR A 104 5.98 20.62 -10.14
N PRO A 105 5.44 21.84 -10.14
CA PRO A 105 3.99 21.96 -9.95
C PRO A 105 3.22 21.32 -11.11
N ALA A 106 2.04 20.77 -10.86
CA ALA A 106 1.31 20.04 -11.94
C ALA A 106 -0.16 20.16 -11.65
N ASP A 107 -0.99 19.70 -12.59
CA ASP A 107 -2.44 19.73 -12.45
C ASP A 107 -2.88 18.80 -11.32
N SER A 108 -2.00 17.86 -11.01
CA SER A 108 -2.30 16.82 -9.97
C SER A 108 -0.99 16.12 -9.55
N TYR A 109 -1.07 15.28 -8.50
CA TYR A 109 0.13 14.59 -8.00
C TYR A 109 -0.17 13.10 -7.75
N GLY A 110 0.88 12.28 -7.85
CA GLY A 110 0.72 10.91 -7.37
C GLY A 110 1.93 10.51 -6.55
N LEU A 111 1.75 9.47 -5.68
CA LEU A 111 2.79 9.10 -4.77
C LEU A 111 2.95 7.55 -4.84
N VAL A 112 4.17 7.09 -5.05
CA VAL A 112 4.51 5.63 -4.95
C VAL A 112 5.44 5.52 -3.76
N LEU A 113 5.07 4.69 -2.77
CA LEU A 113 5.92 4.53 -1.55
C LEU A 113 6.38 3.12 -1.57
N TRP A 114 7.65 2.92 -1.67
CA TRP A 114 8.20 1.59 -1.75
C TRP A 114 8.86 1.26 -0.42
N SER A 115 8.44 0.16 0.17
CA SER A 115 8.99 -0.20 1.50
C SER A 115 8.62 -1.64 1.69
N HIS A 116 9.54 -2.56 1.51
CA HIS A 116 9.25 -3.95 1.84
C HIS A 116 9.75 -4.36 3.23
N GLY A 117 8.82 -4.82 4.06
CA GLY A 117 8.99 -5.05 5.48
C GLY A 117 7.67 -5.52 6.04
N THR A 118 7.25 -4.96 7.18
CA THR A 118 6.01 -5.40 7.84
C THR A 118 4.81 -4.49 7.54
N GLY A 119 4.97 -3.61 6.56
CA GLY A 119 3.90 -2.72 6.19
C GLY A 119 3.47 -1.82 7.34
N TRP A 120 2.17 -1.79 7.60
CA TRP A 120 1.64 -0.87 8.57
C TRP A 120 1.63 -1.36 10.03
N LEU A 121 1.99 -2.62 10.24
CA LEU A 121 1.91 -3.26 11.55
C LEU A 121 3.02 -2.72 12.42
N PRO A 122 2.81 -2.72 13.76
CA PRO A 122 3.75 -2.07 14.68
C PRO A 122 5.17 -2.64 14.54
N SER A 123 6.21 -1.85 14.86
CA SER A 123 7.60 -2.32 14.84
C SER A 123 7.75 -3.60 15.69
N ASP A 124 7.15 -3.57 16.88
CA ASP A 124 7.12 -4.71 17.77
C ASP A 124 6.21 -5.85 17.33
N ILE A 125 5.91 -5.98 16.03
CA ILE A 125 4.86 -6.92 15.61
C ILE A 125 5.17 -8.35 15.97
N TYR A 126 6.42 -8.77 15.79
CA TYR A 126 6.79 -10.15 16.06
C TYR A 126 6.61 -10.43 17.55
N SER A 127 7.01 -9.45 18.36
CA SER A 127 6.84 -9.50 19.81
C SER A 127 5.35 -9.55 20.14
N TYR A 128 4.56 -8.73 19.47
CA TYR A 128 3.11 -8.69 19.68
C TYR A 128 2.45 -10.01 19.22
N LEU A 129 3.03 -10.69 18.23
CA LEU A 129 2.52 -11.99 17.76
C LEU A 129 3.10 -13.14 18.55
N ARG A 130 3.74 -12.80 19.67
CA ARG A 130 4.34 -13.79 20.58
C ARG A 130 5.41 -14.71 19.91
N SER A 131 6.19 -14.16 18.98
CA SER A 131 7.26 -14.91 18.31
C SER A 131 8.67 -14.30 18.52
N ASN A 139 9.34 1.95 12.24
CA ASN A 139 8.54 1.61 11.07
C ASN A 139 8.03 2.81 10.28
N PHE A 140 8.67 3.06 9.13
CA PHE A 140 8.35 4.20 8.25
C PHE A 140 6.87 4.23 7.92
N MET A 141 6.24 3.06 7.92
CA MET A 141 4.90 2.92 7.38
C MET A 141 3.86 2.62 8.45
N GLU A 142 4.26 2.89 9.71
CA GLU A 142 3.33 3.00 10.83
C GLU A 142 2.15 3.90 10.45
N ILE A 143 0.98 3.31 10.52
CA ILE A 143 -0.17 3.90 9.89
C ILE A 143 -0.55 5.31 10.48
N ASN A 144 -0.58 5.47 11.82
CA ASN A 144 -1.02 6.80 12.29
C ASN A 144 -0.07 7.96 11.93
N ASP A 145 1.25 7.76 12.05
CA ASP A 145 2.19 8.85 11.76
C ASP A 145 2.19 9.15 10.28
N LEU A 146 2.18 8.09 9.47
CA LEU A 146 2.19 8.30 8.02
C LEU A 146 0.93 9.03 7.51
N ALA A 147 -0.24 8.63 8.00
CA ALA A 147 -1.48 9.23 7.55
C ALA A 147 -1.51 10.65 8.04
N SER A 148 -1.02 10.87 9.28
CA SER A 148 -1.01 12.22 9.77
C SER A 148 -0.11 13.10 8.90
N ALA A 149 1.05 12.57 8.54
CA ALA A 149 2.04 13.35 7.78
C ALA A 149 1.50 13.69 6.39
N LEU A 150 0.76 12.75 5.79
CA LEU A 150 0.28 12.95 4.40
C LEU A 150 -1.08 13.64 4.38
N SER A 151 -1.70 13.85 5.54
CA SER A 151 -3.05 14.41 5.53
C SER A 151 -3.12 15.83 4.94
N LYS A 152 -2.01 16.58 4.91
CA LYS A 152 -1.95 17.92 4.32
C LYS A 152 -1.88 17.97 2.80
N TYR A 153 -1.77 16.81 2.16
CA TYR A 153 -1.70 16.74 0.70
C TYR A 153 -2.96 16.21 0.05
N HIS A 154 -3.03 16.35 -1.27
CA HIS A 154 -4.04 15.57 -1.95
C HIS A 154 -3.46 14.92 -3.19
N PHE A 155 -3.43 13.60 -3.14
CA PHE A 155 -2.90 12.87 -4.27
C PHE A 155 -4.00 12.24 -5.07
N ASP A 156 -3.82 12.13 -6.37
CA ASP A 156 -4.82 11.34 -7.15
C ASP A 156 -4.74 9.88 -6.76
N PHE A 157 -3.53 9.37 -6.51
CA PHE A 157 -3.39 8.02 -6.00
C PHE A 157 -2.19 7.90 -5.08
N ILE A 158 -2.27 6.91 -4.15
CA ILE A 158 -1.04 6.48 -3.49
C ILE A 158 -0.92 5.01 -3.82
N LEU A 159 0.25 4.64 -4.37
CA LEU A 159 0.55 3.24 -4.69
C LEU A 159 1.50 2.74 -3.61
N PHE A 160 1.00 1.78 -2.80
CA PHE A 160 1.88 1.20 -1.75
C PHE A 160 2.58 -0.02 -2.31
N ASP A 161 3.86 0.11 -2.63
CA ASP A 161 4.62 -1.04 -3.07
C ASP A 161 5.26 -1.59 -1.82
N ALA A 162 4.45 -2.41 -1.09
CA ALA A 162 4.74 -2.74 0.30
C ALA A 162 3.82 -3.91 0.66
N CYS A 163 4.16 -4.57 1.73
CA CYS A 163 3.26 -5.64 2.18
C CYS A 163 2.09 -5.16 2.99
N TYR A 164 0.96 -5.87 2.75
CA TYR A 164 -0.24 -5.83 3.58
C TYR A 164 -0.97 -4.51 3.63
N MET A 165 -0.75 -3.64 2.65
CA MET A 165 -1.31 -2.31 2.81
C MET A 165 -2.72 -2.22 2.38
N SER A 166 -3.20 -3.16 1.55
CA SER A 166 -4.63 -3.16 1.22
C SER A 166 -5.39 -3.79 2.36
N CYS A 167 -5.73 -3.00 3.34
CA CYS A 167 -6.60 -3.41 4.43
C CYS A 167 -7.49 -2.26 4.77
N ALA A 168 -8.59 -2.55 5.41
CA ALA A 168 -9.57 -1.51 5.68
C ALA A 168 -8.93 -0.43 6.46
N GLU A 169 -8.09 -0.79 7.43
CA GLU A 169 -7.56 0.20 8.31
C GLU A 169 -6.71 1.26 7.61
N VAL A 170 -5.91 0.80 6.68
CA VAL A 170 -5.10 1.72 5.84
C VAL A 170 -5.95 2.48 4.86
N ALA A 171 -6.82 1.77 4.13
CA ALA A 171 -7.64 2.52 3.16
C ALA A 171 -8.45 3.62 3.90
N TYR A 172 -8.90 3.32 5.13
CA TYR A 172 -9.67 4.30 5.85
C TYR A 172 -8.78 5.46 6.31
N ALA A 173 -7.60 5.12 6.80
CA ALA A 173 -6.69 6.19 7.36
C ALA A 173 -6.28 7.18 6.28
N PHE A 174 -6.11 6.70 5.06
CA PHE A 174 -5.63 7.58 3.97
C PHE A 174 -6.72 8.13 3.10
N ARG A 175 -7.99 7.96 3.50
CA ARG A 175 -9.11 8.32 2.60
C ARG A 175 -9.16 9.80 2.28
N GLY A 176 -8.64 10.60 3.19
CA GLY A 176 -8.67 12.05 3.00
C GLY A 176 -7.56 12.62 2.16
N CYS A 177 -6.46 11.90 1.93
CA CYS A 177 -5.36 12.52 1.19
C CYS A 177 -5.07 11.88 -0.15
N ALA A 178 -5.90 10.94 -0.56
CA ALA A 178 -5.75 10.28 -1.83
C ALA A 178 -7.07 9.84 -2.40
N ASP A 179 -7.28 10.06 -3.68
CA ASP A 179 -8.51 9.64 -4.27
C ASP A 179 -8.65 8.13 -4.38
N TYR A 180 -7.52 7.46 -4.65
CA TYR A 180 -7.45 6.02 -4.79
C TYR A 180 -6.22 5.50 -4.08
N ILE A 181 -6.33 4.29 -3.55
CA ILE A 181 -5.23 3.62 -2.92
C ILE A 181 -5.03 2.30 -3.65
N ILE A 182 -3.79 2.01 -4.02
CA ILE A 182 -3.45 0.80 -4.73
C ILE A 182 -2.50 -0.01 -3.87
N GLY A 183 -2.76 -1.30 -3.66
CA GLY A 183 -1.85 -2.07 -2.81
C GLY A 183 -2.19 -3.53 -2.84
N SER A 184 -1.46 -4.28 -2.04
CA SER A 184 -1.73 -5.73 -1.91
C SER A 184 -2.20 -6.03 -0.53
N PRO A 185 -3.21 -6.88 -0.41
CA PRO A 185 -3.56 -7.39 0.94
C PRO A 185 -2.59 -8.41 1.46
N THR A 186 -1.71 -8.91 0.63
CA THR A 186 -0.74 -9.94 1.07
C THR A 186 0.67 -9.42 0.89
N GLU A 187 1.68 -10.27 0.76
CA GLU A 187 3.06 -9.79 0.58
C GLU A 187 3.31 -9.51 -0.89
N ILE A 188 4.15 -8.49 -1.13
CA ILE A 188 4.71 -8.28 -2.42
C ILE A 188 6.18 -8.47 -2.18
N LEU A 189 6.76 -9.40 -2.88
CA LEU A 189 8.16 -9.63 -2.58
C LEU A 189 8.99 -9.16 -3.78
N ALA A 190 10.20 -9.69 -3.84
CA ALA A 190 11.14 -9.36 -4.90
C ALA A 190 11.12 -7.88 -5.24
N ASN A 191 11.10 -7.60 -6.53
CA ASN A 191 11.17 -6.23 -6.95
C ASN A 191 9.96 -5.46 -6.44
N GLY A 192 8.78 -6.05 -6.54
CA GLY A 192 7.61 -5.21 -6.31
C GLY A 192 6.78 -5.02 -7.59
N PHE A 193 6.22 -3.82 -7.79
CA PHE A 193 5.34 -3.59 -8.94
C PHE A 193 6.10 -3.66 -10.28
N PRO A 194 5.37 -3.94 -11.37
CA PRO A 194 6.00 -4.05 -12.69
C PRO A 194 6.14 -2.66 -13.31
N TYR A 195 7.09 -1.90 -12.77
CA TYR A 195 7.17 -0.50 -13.20
C TYR A 195 7.36 -0.46 -14.68
N GLN A 196 7.97 -1.52 -15.28
CA GLN A 196 8.24 -1.40 -16.72
C GLN A 196 6.98 -1.42 -17.59
N THR A 197 5.82 -1.66 -16.99
CA THR A 197 4.60 -1.67 -17.79
C THR A 197 3.58 -0.64 -17.30
N ILE A 198 3.78 0.00 -16.15
CA ILE A 198 2.72 0.90 -15.61
C ILE A 198 3.03 2.41 -15.71
N MET A 199 4.23 2.73 -16.23
CA MET A 199 4.60 4.17 -16.12
C MET A 199 3.59 5.07 -16.89
N GLY A 200 3.31 4.76 -18.14
CA GLY A 200 2.30 5.58 -18.83
C GLY A 200 0.95 5.65 -18.09
N ASP A 201 0.50 4.54 -17.49
CA ASP A 201 -0.77 4.60 -16.73
C ASP A 201 -0.72 5.59 -15.62
N MET A 202 0.44 5.78 -14.96
CA MET A 202 0.47 6.79 -13.86
C MET A 202 0.30 8.25 -14.36
N PHE A 203 0.52 8.48 -15.66
CA PHE A 203 0.64 9.85 -16.18
C PHE A 203 -0.50 10.20 -17.15
N LYS A 204 -1.47 9.31 -17.37
CA LYS A 204 -2.72 9.72 -18.14
C LYS A 204 -3.37 10.93 -17.43
N LYS A 205 -4.10 11.71 -18.19
CA LYS A 205 -4.69 12.94 -17.61
C LYS A 205 -5.37 12.63 -16.30
N GLU A 206 -6.22 11.58 -16.26
CA GLU A 206 -6.63 10.91 -15.03
C GLU A 206 -5.72 9.68 -14.88
N ALA A 207 -5.17 9.49 -13.68
CA ALA A 207 -4.34 8.29 -13.46
C ALA A 207 -5.18 7.06 -13.70
N ASP A 208 -4.62 6.07 -14.42
CA ASP A 208 -5.38 4.84 -14.75
C ASP A 208 -5.10 3.81 -13.68
N VAL A 209 -5.78 4.02 -12.56
CA VAL A 209 -5.50 3.16 -11.39
C VAL A 209 -5.94 1.75 -11.63
N VAL A 210 -7.02 1.54 -12.39
CA VAL A 210 -7.39 0.18 -12.69
C VAL A 210 -6.36 -0.46 -13.64
N GLY A 211 -5.83 0.30 -14.63
CA GLY A 211 -4.74 -0.16 -15.47
C GLY A 211 -3.55 -0.61 -14.67
N ILE A 212 -3.14 0.21 -13.71
CA ILE A 212 -1.99 -0.14 -12.91
C ILE A 212 -2.15 -1.49 -12.19
N ALA A 213 -3.34 -1.68 -11.60
CA ALA A 213 -3.58 -2.93 -10.89
C ALA A 213 -3.71 -4.13 -11.84
N THR A 214 -4.33 -3.89 -12.99
CA THR A 214 -4.45 -4.97 -13.98
C THR A 214 -3.07 -5.40 -14.52
N LYS A 215 -2.15 -4.45 -14.64
CA LYS A 215 -0.80 -4.79 -15.05
C LYS A 215 -0.04 -5.57 -14.00
N PHE A 216 -0.26 -5.22 -12.74
CA PHE A 216 0.32 -6.01 -11.65
C PHE A 216 -0.14 -7.48 -11.71
N TYR A 217 -1.45 -7.66 -11.89
CA TYR A 217 -2.01 -9.04 -12.06
C TYR A 217 -1.46 -9.72 -13.30
N THR A 218 -1.46 -9.02 -14.46
CA THR A 218 -0.91 -9.65 -15.67
C THR A 218 0.55 -10.09 -15.44
N TYR A 219 1.35 -9.23 -14.82
CA TYR A 219 2.73 -9.58 -14.58
C TYR A 219 2.89 -10.83 -13.72
N TYR A 220 2.07 -10.94 -12.67
CA TYR A 220 2.26 -12.00 -11.69
C TYR A 220 1.36 -13.21 -11.94
N GLN A 221 0.60 -13.18 -13.04
CA GLN A 221 -0.51 -14.15 -13.29
C GLN A 221 -0.03 -15.60 -13.22
N SER A 222 1.19 -15.87 -13.66
CA SER A 222 1.63 -17.27 -13.65
C SER A 222 2.42 -17.63 -12.42
N GLU A 223 2.52 -16.69 -11.49
CA GLU A 223 3.28 -16.87 -10.28
C GLU A 223 2.30 -16.68 -9.13
N ALA A 224 2.56 -15.70 -8.26
CA ALA A 224 1.65 -15.43 -7.19
C ALA A 224 1.64 -13.94 -6.86
N GLY A 225 0.45 -13.42 -6.61
CA GLY A 225 0.32 -12.02 -6.25
C GLY A 225 -1.15 -11.67 -6.05
N THR A 226 -1.41 -10.68 -5.21
CA THR A 226 -2.76 -10.19 -4.96
C THR A 226 -2.73 -8.70 -5.08
N ILE A 227 -3.77 -8.08 -5.67
CA ILE A 227 -3.77 -6.62 -5.83
C ILE A 227 -5.21 -6.13 -5.65
N SER A 228 -5.34 -4.91 -5.16
CA SER A 228 -6.64 -4.22 -5.12
C SER A 228 -6.50 -2.75 -5.16
N VAL A 229 -7.60 -2.14 -5.59
CA VAL A 229 -7.67 -0.70 -5.69
C VAL A 229 -8.89 -0.18 -4.94
N MET A 230 -8.69 0.77 -4.04
CA MET A 230 -9.80 1.27 -3.21
C MET A 230 -10.12 2.69 -3.60
N LYS A 231 -11.43 3.00 -3.68
CA LYS A 231 -11.92 4.32 -4.03
C LYS A 231 -12.23 5.07 -2.72
N SER A 232 -11.38 6.05 -2.38
CA SER A 232 -11.43 6.62 -1.05
C SER A 232 -12.75 7.29 -0.67
N ASP A 233 -13.44 7.92 -1.63
CA ASP A 233 -14.69 8.54 -1.17
C ASP A 233 -15.84 7.55 -0.90
N GLU A 234 -15.54 6.24 -0.91
CA GLU A 234 -16.53 5.22 -0.56
C GLU A 234 -16.21 4.67 0.83
N LEU A 235 -15.07 5.12 1.36
CA LEU A 235 -14.65 4.51 2.66
C LEU A 235 -15.47 4.96 3.83
N ASP A 236 -15.99 6.18 3.81
CA ASP A 236 -16.87 6.53 4.94
C ASP A 236 -18.11 5.64 5.02
N GLU A 237 -18.67 5.32 3.85
CA GLU A 237 -19.84 4.46 3.85
C GLU A 237 -19.44 3.06 4.31
N LEU A 238 -18.26 2.59 3.90
CA LEU A 238 -17.86 1.22 4.27
C LEU A 238 -17.72 1.18 5.80
N ALA A 239 -17.20 2.26 6.40
CA ALA A 239 -16.97 2.22 7.84
C ALA A 239 -18.33 2.25 8.50
N ALA A 240 -19.25 3.04 7.96
CA ALA A 240 -20.55 3.14 8.62
C ALA A 240 -21.26 1.79 8.59
N THR A 241 -21.09 1.08 7.47
CA THR A 241 -21.78 -0.17 7.30
C THR A 241 -21.15 -1.13 8.32
N CYS A 242 -19.80 -1.07 8.46
CA CYS A 242 -19.13 -1.97 9.41
C CYS A 242 -19.45 -1.60 10.82
N ARG A 243 -19.66 -0.30 11.06
CA ARG A 243 -19.97 0.11 12.41
C ARG A 243 -21.20 -0.62 12.93
N THR A 244 -22.14 -0.90 12.02
CA THR A 244 -23.43 -1.47 12.49
C THR A 244 -23.26 -2.87 13.07
N LEU A 245 -22.21 -3.59 12.63
CA LEU A 245 -22.00 -4.92 13.15
C LEU A 245 -20.88 -5.00 14.17
N PHE A 246 -20.01 -3.98 14.25
CA PHE A 246 -18.91 -4.09 15.21
C PHE A 246 -19.17 -3.34 16.52
N HIS A 247 -20.00 -2.30 16.45
CA HIS A 247 -20.06 -1.36 17.57
C HIS A 247 -20.72 -1.96 18.81
N ASP A 248 -21.38 -3.13 18.67
CA ASP A 248 -22.06 -3.71 19.81
C ASP A 248 -21.46 -5.06 20.19
N LYS A 249 -20.26 -5.31 19.71
CA LYS A 249 -19.62 -6.63 19.97
C LYS A 249 -18.70 -6.45 21.17
N THR A 250 -18.85 -7.30 22.17
CA THR A 250 -17.93 -7.23 23.29
C THR A 250 -16.60 -7.93 22.93
N GLU A 251 -15.55 -7.69 23.73
CA GLU A 251 -14.31 -8.41 23.52
C GLU A 251 -14.58 -9.91 23.53
N SER A 252 -15.43 -10.38 24.44
CA SER A 252 -15.69 -11.81 24.47
C SER A 252 -16.37 -12.30 23.19
N ASP A 253 -17.30 -11.52 22.65
CA ASP A 253 -17.86 -11.82 21.30
C ASP A 253 -16.78 -11.92 20.20
N LEU A 254 -15.85 -10.97 20.18
CA LEU A 254 -14.82 -10.96 19.15
C LEU A 254 -13.91 -12.17 19.28
N PHE A 255 -13.58 -12.49 20.52
CA PHE A 255 -12.61 -13.54 20.78
C PHE A 255 -13.20 -14.91 20.48
N ALA A 256 -14.51 -14.99 20.42
CA ALA A 256 -15.16 -16.25 20.06
C ALA A 256 -15.05 -16.60 18.56
N VAL A 257 -14.64 -15.67 17.72
CA VAL A 257 -14.43 -15.99 16.32
C VAL A 257 -13.21 -16.89 16.16
N PRO A 258 -13.37 -18.05 15.53
CA PRO A 258 -12.21 -18.96 15.43
C PRO A 258 -11.31 -18.67 14.22
N VAL A 259 -10.13 -18.12 14.48
CA VAL A 259 -9.26 -17.75 13.35
C VAL A 259 -8.78 -18.95 12.54
N SER A 260 -8.80 -20.13 13.14
CA SER A 260 -8.35 -21.32 12.46
C SER A 260 -9.24 -21.68 11.26
N GLU A 261 -10.41 -21.04 11.23
CA GLU A 261 -11.39 -21.23 10.15
C GLU A 261 -11.28 -20.13 9.09
N LEU A 262 -10.49 -19.09 9.36
CA LEU A 262 -10.51 -17.91 8.48
C LEU A 262 -9.46 -17.96 7.39
N GLN A 263 -9.74 -17.29 6.25
CA GLN A 263 -8.76 -17.19 5.21
C GLN A 263 -7.58 -16.31 5.67
N ILE A 264 -6.40 -16.89 5.70
CA ILE A 264 -5.21 -16.09 6.09
C ILE A 264 -4.87 -15.02 5.05
N MET A 265 -4.46 -13.83 5.49
CA MET A 265 -3.87 -12.85 4.55
C MET A 265 -2.42 -12.61 4.93
N GLU A 266 -2.14 -12.49 6.23
CA GLU A 266 -0.78 -12.26 6.70
C GLU A 266 -0.16 -13.55 7.21
N TYR A 267 1.11 -13.77 6.87
CA TYR A 267 1.83 -14.96 7.30
C TYR A 267 3.30 -14.68 7.56
N LEU A 268 3.57 -13.93 8.63
CA LEU A 268 4.94 -13.58 8.99
C LEU A 268 5.49 -14.57 10.01
N THR A 269 4.58 -15.24 10.72
CA THR A 269 4.96 -16.22 11.73
C THR A 269 4.04 -17.43 11.60
N PRO A 270 4.49 -18.56 12.09
CA PRO A 270 3.70 -19.78 11.91
C PRO A 270 2.57 -19.99 12.91
N ASN A 271 2.54 -19.32 14.05
CA ASN A 271 1.52 -19.63 15.06
C ASN A 271 0.36 -18.64 15.22
N TYR A 272 0.65 -17.37 15.31
CA TYR A 272 -0.43 -16.38 15.40
C TYR A 272 -0.32 -15.47 14.18
N HIS A 273 -1.46 -15.10 13.60
CA HIS A 273 -1.47 -14.16 12.47
C HIS A 273 -2.37 -13.01 12.87
N ALA A 274 -2.08 -11.80 12.40
CA ALA A 274 -2.88 -10.63 12.70
C ALA A 274 -3.96 -10.43 11.63
N LEU A 275 -3.59 -10.63 10.37
CA LEU A 275 -4.51 -10.17 9.31
C LEU A 275 -5.12 -11.32 8.52
N TYR A 276 -6.41 -11.25 8.34
CA TYR A 276 -7.19 -12.23 7.62
C TYR A 276 -8.07 -11.54 6.57
N ASP A 277 -8.75 -12.30 5.72
CA ASP A 277 -9.61 -11.69 4.74
C ASP A 277 -10.76 -10.96 5.40
N PHE A 278 -10.99 -9.74 4.97
CA PHE A 278 -12.01 -8.88 5.54
C PHE A 278 -13.44 -9.43 5.47
N ASP A 279 -13.85 -9.84 4.29
CA ASP A 279 -15.18 -10.37 4.09
C ASP A 279 -15.39 -11.63 4.90
N ASP A 280 -14.43 -12.52 4.89
CA ASP A 280 -14.51 -13.74 5.64
C ASP A 280 -14.74 -13.44 7.13
N TYR A 281 -13.95 -12.55 7.69
CA TYR A 281 -14.10 -12.18 9.08
C TYR A 281 -15.48 -11.61 9.36
N VAL A 282 -15.87 -10.63 8.58
CA VAL A 282 -17.18 -10.00 8.77
C VAL A 282 -18.31 -11.02 8.66
N SER A 283 -18.16 -12.01 7.76
CA SER A 283 -19.21 -13.03 7.63
C SER A 283 -19.42 -13.88 8.92
N ARG A 284 -18.44 -13.87 9.82
CA ARG A 284 -18.55 -14.57 11.11
C ARG A 284 -19.29 -13.81 12.19
N LEU A 285 -19.48 -12.53 11.98
CA LEU A 285 -20.06 -11.64 12.98
C LEU A 285 -21.37 -11.02 12.52
N ALA A 286 -21.47 -10.75 11.22
CA ALA A 286 -22.66 -10.07 10.68
C ALA A 286 -23.91 -10.89 10.65
N THR A 287 -25.05 -10.25 10.88
CA THR A 287 -26.34 -10.84 10.56
C THR A 287 -26.42 -10.91 9.02
N GLU A 288 -27.40 -11.65 8.50
CA GLU A 288 -27.54 -11.77 7.07
C GLU A 288 -27.76 -10.41 6.45
N GLU A 289 -28.60 -9.61 7.10
CA GLU A 289 -28.88 -8.26 6.62
C GLU A 289 -27.63 -7.37 6.61
N GLN A 290 -26.89 -7.34 7.74
CA GLN A 290 -25.62 -6.62 7.79
C GLN A 290 -24.60 -7.10 6.76
N TYR A 291 -24.53 -8.41 6.56
CA TYR A 291 -23.58 -8.97 5.59
C TYR A 291 -23.94 -8.53 4.18
N ASN A 292 -25.23 -8.50 3.84
CA ASN A 292 -25.61 -8.08 2.49
C ASN A 292 -25.25 -6.61 2.31
N ALA A 293 -25.48 -5.81 3.35
CA ALA A 293 -25.13 -4.36 3.28
C ALA A 293 -23.62 -4.17 3.13
N PHE A 294 -22.86 -4.94 3.91
CA PHE A 294 -21.40 -4.95 3.83
C PHE A 294 -20.93 -5.29 2.41
N LYS A 295 -21.48 -6.36 1.84
CA LYS A 295 -21.12 -6.72 0.44
C LYS A 295 -21.39 -5.61 -0.57
N ARG A 296 -22.50 -4.90 -0.40
CA ARG A 296 -22.78 -3.78 -1.31
C ARG A 296 -21.78 -2.63 -1.15
N SER A 297 -21.39 -2.37 0.11
CA SER A 297 -20.43 -1.29 0.35
C SER A 297 -19.06 -1.65 -0.20
N MET A 298 -18.67 -2.91 -0.03
CA MET A 298 -17.41 -3.41 -0.56
C MET A 298 -17.41 -3.31 -2.07
N GLU A 299 -18.54 -3.64 -2.73
CA GLU A 299 -18.59 -3.53 -4.20
C GLU A 299 -18.27 -2.10 -4.66
N LYS A 300 -18.69 -1.11 -3.85
CA LYS A 300 -18.41 0.28 -4.23
C LYS A 300 -16.97 0.71 -3.91
N ALA A 301 -16.45 0.26 -2.77
CA ALA A 301 -15.13 0.68 -2.25
C ALA A 301 -13.99 -0.02 -2.89
N VAL A 302 -14.13 -1.31 -3.17
CA VAL A 302 -13.02 -2.05 -3.77
C VAL A 302 -13.34 -2.12 -5.30
N ILE A 303 -12.78 -1.21 -6.09
CA ILE A 303 -13.24 -1.05 -7.45
C ILE A 303 -12.56 -2.00 -8.41
N TYR A 304 -11.42 -2.56 -7.98
CA TYR A 304 -10.75 -3.59 -8.76
C TYR A 304 -10.04 -4.47 -7.79
N LYS A 305 -10.08 -5.79 -8.01
CA LYS A 305 -9.26 -6.73 -7.22
C LYS A 305 -8.90 -7.93 -8.08
N ALA A 306 -7.74 -8.50 -7.84
CA ALA A 306 -7.37 -9.68 -8.55
C ALA A 306 -6.43 -10.50 -7.71
N THR A 307 -6.52 -11.83 -7.87
CA THR A 307 -5.59 -12.71 -7.20
C THR A 307 -5.26 -13.96 -8.04
N THR A 308 -4.05 -14.46 -7.83
CA THR A 308 -3.64 -15.77 -8.34
C THR A 308 -4.21 -16.87 -7.41
N PRO A 309 -4.04 -18.15 -7.79
CA PRO A 309 -4.53 -19.22 -6.91
C PRO A 309 -3.86 -19.26 -5.54
N LYS A 310 -2.58 -18.88 -5.45
CA LYS A 310 -1.89 -18.79 -4.17
C LYS A 310 -1.28 -17.44 -3.93
N ALA A 311 -0.96 -17.20 -2.66
CA ALA A 311 -0.24 -16.00 -2.21
C ALA A 311 1.13 -16.46 -1.76
N VAL A 312 2.13 -15.60 -2.01
CA VAL A 312 3.50 -15.92 -1.63
C VAL A 312 3.96 -15.16 -0.37
N TYR A 313 4.74 -15.85 0.47
CA TYR A 313 5.22 -15.27 1.74
C TYR A 313 6.71 -15.50 1.91
N ALA A 314 7.37 -14.57 2.60
CA ALA A 314 8.81 -14.72 2.86
C ALA A 314 9.11 -15.81 3.88
N TYR A 315 8.24 -15.95 4.86
CA TYR A 315 8.47 -16.96 5.88
C TYR A 315 8.16 -18.33 5.33
N PRO A 316 9.04 -19.33 5.56
CA PRO A 316 10.32 -19.24 6.26
C PRO A 316 11.48 -19.07 5.32
N TYR A 317 12.41 -18.19 5.68
CA TYR A 317 13.62 -17.97 4.91
C TYR A 317 14.38 -19.29 4.86
N PRO A 318 15.13 -19.51 3.79
CA PRO A 318 15.04 -18.61 2.63
C PRO A 318 14.09 -19.14 1.55
N TYR A 319 13.36 -20.23 1.82
CA TYR A 319 12.46 -20.80 0.83
C TYR A 319 11.09 -20.06 0.71
N GLY A 320 10.57 -19.52 1.81
CA GLY A 320 9.27 -18.88 1.78
C GLY A 320 8.13 -19.89 1.72
N SER A 321 6.88 -19.39 1.65
CA SER A 321 5.66 -20.22 1.67
C SER A 321 4.65 -19.82 0.59
N TYR A 322 3.94 -20.78 0.02
CA TYR A 322 2.83 -20.43 -0.86
C TYR A 322 1.59 -20.99 -0.20
N LEU A 323 0.62 -20.13 0.01
CA LEU A 323 -0.61 -20.52 0.67
C LEU A 323 -1.78 -20.24 -0.27
N PRO A 324 -2.81 -21.08 -0.25
CA PRO A 324 -4.02 -20.99 -1.07
C PRO A 324 -4.88 -19.76 -0.74
N VAL A 325 -5.28 -19.03 -1.78
CA VAL A 325 -6.24 -17.94 -1.63
C VAL A 325 -7.56 -18.52 -2.04
N ASN A 326 -8.30 -19.00 -1.04
CA ASN A 326 -9.59 -19.62 -1.30
C ASN A 326 -10.74 -18.62 -1.22
N LYS A 327 -10.57 -17.52 -0.48
CA LYS A 327 -11.56 -16.43 -0.34
C LYS A 327 -10.81 -15.15 -0.55
N TYR A 328 -11.32 -14.25 -1.39
CA TYR A 328 -10.49 -13.05 -1.66
C TYR A 328 -11.39 -11.85 -1.82
N SER A 329 -11.41 -10.96 -0.79
CA SER A 329 -12.26 -9.75 -0.90
C SER A 329 -11.48 -8.50 -1.37
N GLY A 330 -10.14 -8.64 -1.45
CA GLY A 330 -9.27 -7.53 -1.87
C GLY A 330 -8.85 -6.68 -0.67
N LEU A 331 -9.38 -6.98 0.54
CA LEU A 331 -8.94 -6.22 1.74
C LEU A 331 -8.63 -7.23 2.86
N SER A 332 -7.52 -6.97 3.55
CA SER A 332 -7.23 -7.67 4.80
C SER A 332 -7.84 -6.85 5.95
N ILE A 333 -7.87 -7.48 7.14
CA ILE A 333 -8.41 -6.85 8.31
C ILE A 333 -7.68 -7.44 9.53
N TYR A 334 -7.45 -6.62 10.55
CA TYR A 334 -7.00 -7.17 11.85
C TYR A 334 -8.14 -7.96 12.50
N VAL A 335 -7.81 -9.12 13.10
CA VAL A 335 -8.83 -9.89 13.82
C VAL A 335 -8.38 -9.91 15.31
N PRO A 336 -9.12 -9.21 16.19
CA PRO A 336 -8.75 -9.27 17.60
C PRO A 336 -8.82 -10.71 18.16
N GLN A 337 -7.83 -11.01 18.97
CA GLN A 337 -7.64 -12.36 19.49
C GLN A 337 -7.22 -12.31 20.95
N GLU A 338 -7.77 -13.23 21.72
CA GLU A 338 -7.50 -13.27 23.17
C GLU A 338 -6.00 -13.43 23.43
N ALA A 339 -5.32 -14.14 22.54
CA ALA A 339 -3.93 -14.49 22.77
C ALA A 339 -2.97 -13.36 22.43
N LEU A 340 -3.51 -12.27 21.86
CA LEU A 340 -2.71 -11.13 21.42
C LEU A 340 -3.04 -9.81 22.14
N PRO A 341 -2.93 -9.76 23.48
CA PRO A 341 -3.47 -8.57 24.13
C PRO A 341 -2.72 -7.27 23.82
N LYS A 342 -1.39 -7.30 23.63
CA LYS A 342 -0.67 -6.08 23.33
C LYS A 342 -1.06 -5.59 21.93
N LEU A 343 -1.31 -6.51 20.99
CA LEU A 343 -1.66 -6.06 19.65
C LEU A 343 -3.09 -5.51 19.68
N ASN A 344 -3.97 -6.18 20.45
CA ASN A 344 -5.32 -5.66 20.60
C ASN A 344 -5.31 -4.23 21.18
N GLU A 345 -4.45 -3.96 22.15
CA GLU A 345 -4.41 -2.66 22.78
C GLU A 345 -3.79 -1.61 21.79
N TRP A 346 -2.75 -1.99 21.05
CA TRP A 346 -2.20 -1.13 19.99
C TRP A 346 -3.26 -0.74 18.96
N TYR A 347 -4.08 -1.71 18.60
CA TYR A 347 -5.09 -1.49 17.60
C TYR A 347 -6.05 -0.38 17.97
N LYS A 348 -6.24 -0.17 19.28
CA LYS A 348 -7.24 0.79 19.76
C LYS A 348 -6.91 2.25 19.43
N ASP A 349 -5.69 2.50 18.98
CA ASP A 349 -5.37 3.86 18.61
C ASP A 349 -5.64 4.11 17.14
N LEU A 350 -5.99 3.09 16.35
CA LEU A 350 -6.27 3.36 14.90
C LEU A 350 -7.63 4.04 14.66
N GLU A 351 -7.68 4.93 13.68
CA GLU A 351 -8.91 5.60 13.35
C GLU A 351 -10.06 4.64 13.01
N TRP A 352 -9.74 3.59 12.25
CA TRP A 352 -10.75 2.58 11.93
C TRP A 352 -11.37 1.99 13.21
N TYR A 353 -10.57 1.58 14.17
CA TYR A 353 -11.13 1.07 15.42
C TYR A 353 -12.05 2.07 16.13
N LYS A 354 -11.59 3.32 16.27
CA LYS A 354 -12.37 4.31 16.94
C LYS A 354 -13.72 4.55 16.28
N ASP A 355 -13.72 4.58 14.95
CA ASP A 355 -14.94 4.93 14.23
C ASP A 355 -15.87 3.74 13.97
N VAL A 356 -15.32 2.53 14.02
CA VAL A 356 -16.08 1.35 13.68
C VAL A 356 -16.44 0.49 14.90
N TYR A 357 -15.48 0.29 15.81
CA TYR A 357 -15.76 -0.46 17.06
C TYR A 357 -16.32 0.44 18.15
N GLN A 358 -15.79 1.66 18.14
CA GLN A 358 -15.96 2.74 19.15
C GLN A 358 -15.54 2.31 20.50
C1 GOL B . -12.01 -5.15 21.29
O1 GOL B . -12.82 -3.98 21.22
C2 GOL B . -10.49 -4.94 21.34
O2 GOL B . -9.91 -6.20 21.44
C3 GOL B . -9.95 -4.26 20.07
O3 GOL B . -8.57 -4.41 19.83
#